data_2NDD
#
_entry.id   2NDD
#
_entity_poly.entity_id   1
_entity_poly.type   'polypeptide(L)'
_entity_poly.pdbx_seq_one_letter_code
;SCKKECSGSRRTKKCMQKCNREHGH(NH2)
;
_entity_poly.pdbx_strand_id   A
#
loop_
_chem_comp.id
_chem_comp.type
_chem_comp.name
_chem_comp.formula
NH2 non-polymer 'AMINO GROUP' 'H2 N'
#
# COMPACT_ATOMS: atom_id res chain seq x y z
N SER A 1 -2.59 6.48 4.76
CA SER A 1 -3.14 5.70 5.87
C SER A 1 -3.12 4.21 5.54
N CYS A 2 -2.39 3.84 4.50
CA CYS A 2 -2.30 2.45 4.08
C CYS A 2 -1.01 2.19 3.32
N LYS A 3 -0.50 3.23 2.66
CA LYS A 3 0.74 3.12 1.90
C LYS A 3 1.94 3.43 2.78
N LYS A 4 1.88 4.55 3.48
CA LYS A 4 2.97 4.97 4.35
C LYS A 4 2.91 4.21 5.68
N GLU A 5 1.73 3.70 6.01
CA GLU A 5 1.55 2.96 7.26
C GLU A 5 2.01 1.52 7.09
N CYS A 6 2.76 1.26 6.02
CA CYS A 6 3.26 -0.09 5.77
C CYS A 6 4.62 -0.03 5.08
N SER A 7 4.78 0.90 4.16
CA SER A 7 6.04 1.06 3.44
C SER A 7 7.22 0.93 4.41
N GLY A 8 8.24 0.18 3.98
CA GLY A 8 9.43 -0.02 4.82
C GLY A 8 10.59 0.82 4.30
N SER A 9 11.58 0.13 3.74
CA SER A 9 12.76 0.81 3.20
C SER A 9 12.74 0.80 1.67
N ARG A 10 12.40 -0.35 1.10
CA ARG A 10 12.35 -0.48 -0.35
C ARG A 10 11.09 -1.26 -0.77
N ARG A 11 10.29 -1.64 0.22
CA ARG A 11 9.06 -2.38 -0.06
C ARG A 11 7.85 -1.48 0.07
N THR A 12 6.92 -1.59 -0.87
CA THR A 12 5.71 -0.78 -0.86
C THR A 12 4.70 -1.29 -1.88
N LYS A 13 5.20 -2.00 -2.88
CA LYS A 13 4.33 -2.54 -3.92
C LYS A 13 3.30 -3.49 -3.31
N LYS A 14 3.60 -4.01 -2.13
CA LYS A 14 2.69 -4.93 -1.45
C LYS A 14 1.52 -4.17 -0.85
N CYS A 15 1.81 -3.32 0.13
CA CYS A 15 0.77 -2.54 0.79
C CYS A 15 0.10 -1.59 -0.19
N MET A 16 0.89 -1.09 -1.16
CA MET A 16 0.37 -0.17 -2.16
C MET A 16 -0.71 -0.84 -2.99
N GLN A 17 -0.37 -2.00 -3.56
CA GLN A 17 -1.33 -2.73 -4.39
C GLN A 17 -2.59 -3.04 -3.59
N LYS A 18 -2.42 -3.39 -2.32
CA LYS A 18 -3.55 -3.72 -1.48
C LYS A 18 -4.47 -2.51 -1.31
N CYS A 19 -3.87 -1.34 -1.11
CA CYS A 19 -4.65 -0.12 -0.94
C CYS A 19 -5.25 0.30 -2.28
N ASN A 20 -4.53 0.03 -3.36
CA ASN A 20 -5.00 0.40 -4.69
C ASN A 20 -6.25 -0.39 -5.05
N ARG A 21 -6.26 -1.68 -4.68
CA ARG A 21 -7.41 -2.53 -4.97
C ARG A 21 -8.59 -2.17 -4.08
N GLU A 22 -8.31 -1.95 -2.79
CA GLU A 22 -9.36 -1.62 -1.84
C GLU A 22 -10.01 -0.29 -2.22
N HIS A 23 -9.20 0.64 -2.74
CA HIS A 23 -9.70 1.95 -3.13
C HIS A 23 -10.34 1.87 -4.51
N GLY A 24 -10.44 0.66 -5.05
CA GLY A 24 -11.04 0.46 -6.37
C GLY A 24 -12.56 0.41 -6.28
N HIS A 25 -13.09 0.77 -5.11
CA HIS A 25 -14.54 0.76 -4.90
C HIS A 25 -15.24 1.66 -5.92
N NH2 A 26 -15.69 2.82 -5.53
HN1 NH2 A 26 -15.58 3.11 -4.60
HN2 NH2 A 26 -16.14 3.41 -6.18
N SER A 1 -4.24 5.03 6.37
CA SER A 1 -4.40 3.75 7.07
C SER A 1 -3.38 2.74 6.56
N CYS A 2 -3.16 2.73 5.25
CA CYS A 2 -2.21 1.80 4.64
C CYS A 2 -1.49 2.46 3.47
N LYS A 3 -2.00 3.61 3.03
CA LYS A 3 -1.39 4.33 1.92
C LYS A 3 -0.04 4.90 2.32
N LYS A 4 1.03 4.24 1.88
CA LYS A 4 2.38 4.70 2.21
C LYS A 4 2.71 4.40 3.66
N GLU A 5 1.67 4.13 4.45
CA GLU A 5 1.86 3.83 5.87
C GLU A 5 2.40 2.41 6.05
N CYS A 6 2.95 1.86 4.97
CA CYS A 6 3.51 0.51 5.02
C CYS A 6 4.82 0.44 4.27
N SER A 7 5.36 1.61 3.91
CA SER A 7 6.62 1.67 3.18
C SER A 7 7.80 1.62 4.14
N GLY A 8 8.79 0.81 3.81
CA GLY A 8 9.98 0.69 4.65
C GLY A 8 11.24 1.08 3.88
N SER A 9 11.94 0.10 3.36
CA SER A 9 13.17 0.35 2.60
C SER A 9 12.99 -0.08 1.15
N ARG A 10 12.68 -1.35 0.94
CA ARG A 10 12.48 -1.87 -0.41
C ARG A 10 11.17 -2.64 -0.50
N ARG A 11 10.21 -2.27 0.35
CA ARG A 11 8.91 -2.93 0.35
C ARG A 11 7.81 -1.91 0.59
N THR A 12 6.82 -1.91 -0.30
CA THR A 12 5.70 -0.98 -0.18
C THR A 12 4.50 -1.46 -0.99
N LYS A 13 4.77 -2.29 -2.00
CA LYS A 13 3.71 -2.81 -2.85
C LYS A 13 2.95 -3.92 -2.13
N LYS A 14 3.54 -4.45 -1.06
CA LYS A 14 2.90 -5.51 -0.29
C LYS A 14 1.58 -5.02 0.29
N CYS A 15 1.46 -3.70 0.46
CA CYS A 15 0.24 -3.13 1.02
C CYS A 15 -0.30 -2.04 0.10
N MET A 16 0.61 -1.26 -0.49
CA MET A 16 0.21 -0.19 -1.39
C MET A 16 -0.53 -0.74 -2.60
N GLN A 17 -0.16 -1.95 -3.01
CA GLN A 17 -0.80 -2.58 -4.16
C GLN A 17 -2.17 -3.14 -3.76
N LYS A 18 -2.30 -3.54 -2.51
CA LYS A 18 -3.56 -4.09 -2.02
C LYS A 18 -4.56 -2.97 -1.74
N CYS A 19 -4.06 -1.82 -1.32
CA CYS A 19 -4.92 -0.68 -1.02
C CYS A 19 -5.28 0.06 -2.32
N ASN A 20 -4.31 0.17 -3.21
CA ASN A 20 -4.53 0.86 -4.48
C ASN A 20 -5.81 0.35 -5.15
N ARG A 21 -6.09 -0.93 -4.97
CA ARG A 21 -7.29 -1.53 -5.55
C ARG A 21 -8.48 -1.36 -4.63
N GLU A 22 -8.34 -1.85 -3.40
CA GLU A 22 -9.42 -1.74 -2.41
C GLU A 22 -9.91 -0.31 -2.31
N HIS A 23 -8.99 0.64 -2.36
CA HIS A 23 -9.34 2.05 -2.27
C HIS A 23 -9.70 2.61 -3.65
N GLY A 24 -9.74 1.72 -4.64
CA GLY A 24 -10.06 2.14 -6.01
C GLY A 24 -11.57 2.14 -6.23
N HIS A 25 -12.29 1.45 -5.36
CA HIS A 25 -13.75 1.37 -5.48
C HIS A 25 -14.32 2.74 -5.84
N NH2 A 26 -15.37 2.81 -6.62
HN1 NH2 A 26 -15.76 1.98 -6.98
HN2 NH2 A 26 -15.73 3.68 -6.85
N SER A 1 -1.67 6.87 4.85
CA SER A 1 -2.97 6.36 5.28
C SER A 1 -3.03 4.85 5.11
N CYS A 2 -2.27 4.33 4.14
CA CYS A 2 -2.24 2.90 3.88
C CYS A 2 -0.96 2.51 3.15
N LYS A 3 -0.33 3.49 2.51
CA LYS A 3 0.89 3.23 1.77
C LYS A 3 2.10 3.25 2.70
N LYS A 4 2.27 4.36 3.42
CA LYS A 4 3.39 4.48 4.35
C LYS A 4 3.06 3.80 5.67
N GLU A 5 1.80 3.38 5.82
CA GLU A 5 1.37 2.71 7.05
C GLU A 5 1.52 1.20 6.91
N CYS A 6 2.29 0.77 5.92
CA CYS A 6 2.50 -0.66 5.69
C CYS A 6 3.86 -0.90 5.05
N SER A 7 4.35 0.09 4.30
CA SER A 7 5.64 -0.03 3.65
C SER A 7 6.65 -0.70 4.58
N GLY A 8 7.68 -1.31 3.99
CA GLY A 8 8.71 -1.98 4.77
C GLY A 8 9.83 -1.01 5.14
N SER A 9 10.90 -1.03 4.36
CA SER A 9 12.03 -0.15 4.61
C SER A 9 12.33 0.71 3.38
N ARG A 10 11.81 0.28 2.23
CA ARG A 10 12.02 1.03 1.00
C ARG A 10 11.05 0.56 -0.08
N ARG A 11 10.40 -0.57 0.18
CA ARG A 11 9.44 -1.12 -0.78
C ARG A 11 8.01 -0.81 -0.35
N THR A 12 7.14 -0.54 -1.33
CA THR A 12 5.75 -0.24 -1.03
C THR A 12 4.85 -0.75 -2.15
N LYS A 13 5.38 -0.80 -3.36
CA LYS A 13 4.61 -1.27 -4.51
C LYS A 13 3.75 -2.46 -4.12
N LYS A 14 4.17 -3.17 -3.08
CA LYS A 14 3.42 -4.34 -2.62
C LYS A 14 2.12 -3.92 -1.95
N CYS A 15 2.23 -3.28 -0.80
CA CYS A 15 1.05 -2.82 -0.07
C CYS A 15 0.29 -1.77 -0.86
N MET A 16 1.04 -0.94 -1.59
CA MET A 16 0.42 0.11 -2.40
C MET A 16 -0.61 -0.48 -3.35
N GLN A 17 -0.15 -1.36 -4.23
CA GLN A 17 -1.04 -1.99 -5.21
C GLN A 17 -2.24 -2.62 -4.50
N LYS A 18 -1.97 -3.34 -3.43
CA LYS A 18 -3.04 -4.00 -2.67
C LYS A 18 -4.01 -2.97 -2.12
N CYS A 19 -3.47 -1.89 -1.56
CA CYS A 19 -4.30 -0.84 -0.98
C CYS A 19 -4.95 -0.01 -2.08
N ASN A 20 -4.36 -0.04 -3.27
CA ASN A 20 -4.88 0.71 -4.40
C ASN A 20 -6.11 0.03 -4.98
N ARG A 21 -6.05 -1.30 -5.08
CA ARG A 21 -7.17 -2.06 -5.63
C ARG A 21 -8.32 -2.11 -4.62
N GLU A 22 -7.98 -2.27 -3.35
CA GLU A 22 -8.99 -2.33 -2.30
C GLU A 22 -9.59 -0.94 -2.04
N HIS A 23 -9.08 0.04 -2.76
CA HIS A 23 -9.56 1.42 -2.60
C HIS A 23 -10.85 1.62 -3.38
N GLY A 24 -11.23 0.61 -4.17
CA GLY A 24 -12.45 0.69 -4.97
C GLY A 24 -13.68 0.38 -4.11
N HIS A 25 -13.51 0.43 -2.80
CA HIS A 25 -14.61 0.16 -1.88
C HIS A 25 -15.63 1.30 -1.92
N NH2 A 26 -16.88 1.04 -1.67
HN1 NH2 A 26 -17.17 0.12 -1.46
HN2 NH2 A 26 -17.54 1.77 -1.67
N SER A 1 -3.72 4.69 7.00
CA SER A 1 -3.48 3.37 7.59
C SER A 1 -2.73 2.48 6.59
N CYS A 2 -2.68 2.91 5.34
CA CYS A 2 -2.00 2.13 4.30
C CYS A 2 -1.62 3.03 3.13
N LYS A 3 -2.27 4.18 3.04
CA LYS A 3 -1.99 5.12 1.96
C LYS A 3 -0.62 5.77 2.14
N LYS A 4 0.26 5.53 1.17
CA LYS A 4 1.61 6.09 1.24
C LYS A 4 2.35 5.59 2.48
N GLU A 5 1.68 4.71 3.24
CA GLU A 5 2.27 4.16 4.45
C GLU A 5 2.69 2.71 4.22
N CYS A 6 2.49 1.88 5.24
CA CYS A 6 2.85 0.47 5.13
C CYS A 6 4.22 0.31 4.48
N SER A 7 5.01 1.38 4.51
CA SER A 7 6.34 1.34 3.90
C SER A 7 7.33 0.69 4.85
N GLY A 8 8.22 -0.13 4.30
CA GLY A 8 9.23 -0.81 5.11
C GLY A 8 10.63 -0.54 4.58
N SER A 9 11.33 -1.59 4.19
CA SER A 9 12.69 -1.45 3.66
C SER A 9 12.69 -1.63 2.15
N ARG A 10 12.68 -0.52 1.42
CA ARG A 10 12.69 -0.57 -0.03
C ARG A 10 11.52 -1.41 -0.55
N ARG A 11 10.47 -1.50 0.25
CA ARG A 11 9.29 -2.27 -0.13
C ARG A 11 8.02 -1.59 0.37
N THR A 12 7.03 -1.47 -0.51
CA THR A 12 5.77 -0.83 -0.16
C THR A 12 4.68 -1.20 -1.16
N LYS A 13 5.09 -1.51 -2.39
CA LYS A 13 4.14 -1.87 -3.43
C LYS A 13 3.55 -3.25 -3.16
N LYS A 14 3.95 -3.86 -2.05
CA LYS A 14 3.47 -5.18 -1.69
C LYS A 14 2.09 -5.09 -1.04
N CYS A 15 2.00 -4.28 0.01
CA CYS A 15 0.73 -4.10 0.72
C CYS A 15 -0.06 -2.94 0.12
N MET A 16 0.65 -1.93 -0.35
CA MET A 16 0.00 -0.76 -0.95
C MET A 16 -0.83 -1.17 -2.16
N GLN A 17 -0.26 -2.05 -2.99
CA GLN A 17 -0.96 -2.52 -4.18
C GLN A 17 -2.39 -2.94 -3.83
N LYS A 18 -2.51 -3.99 -3.04
CA LYS A 18 -3.81 -4.49 -2.62
C LYS A 18 -4.66 -3.37 -2.03
N CYS A 19 -4.00 -2.49 -1.27
CA CYS A 19 -4.70 -1.37 -0.65
C CYS A 19 -5.07 -0.31 -1.69
N ASN A 20 -4.31 -0.28 -2.78
CA ASN A 20 -4.56 0.69 -3.84
C ASN A 20 -5.79 0.28 -4.66
N ARG A 21 -6.03 -1.02 -4.74
CA ARG A 21 -7.17 -1.53 -5.48
C ARG A 21 -8.42 -1.55 -4.62
N GLU A 22 -8.24 -1.88 -3.34
CA GLU A 22 -9.37 -1.95 -2.41
C GLU A 22 -9.94 -0.56 -2.17
N HIS A 23 -9.04 0.43 -2.03
CA HIS A 23 -9.47 1.80 -1.78
C HIS A 23 -9.66 2.54 -3.10
N GLY A 24 -9.71 1.79 -4.19
CA GLY A 24 -9.89 2.39 -5.51
C GLY A 24 -11.37 2.44 -5.90
N HIS A 25 -12.23 2.13 -4.94
CA HIS A 25 -13.67 2.15 -5.19
C HIS A 25 -14.09 3.49 -5.78
N NH2 A 26 -13.86 4.58 -5.11
HN1 NH2 A 26 -13.41 4.54 -4.24
HN2 NH2 A 26 -14.12 5.45 -5.48
N SER A 1 -3.93 6.66 5.15
CA SER A 1 -3.11 6.10 6.21
C SER A 1 -2.96 4.59 6.01
N CYS A 2 -2.32 4.19 4.92
CA CYS A 2 -2.11 2.78 4.64
C CYS A 2 -0.89 2.59 3.75
N LYS A 3 -0.57 3.61 2.97
CA LYS A 3 0.59 3.54 2.07
C LYS A 3 1.88 3.77 2.84
N LYS A 4 1.96 4.89 3.55
CA LYS A 4 3.15 5.23 4.31
C LYS A 4 3.08 4.60 5.71
N GLU A 5 2.00 3.87 5.97
CA GLU A 5 1.83 3.23 7.27
C GLU A 5 2.13 1.73 7.18
N CYS A 6 2.54 1.29 6.00
CA CYS A 6 2.86 -0.12 5.79
C CYS A 6 4.19 -0.27 5.06
N SER A 7 4.45 0.62 4.11
CA SER A 7 5.68 0.58 3.35
C SER A 7 6.89 0.54 4.29
N GLY A 8 8.07 0.36 3.71
CA GLY A 8 9.29 0.31 4.51
C GLY A 8 10.34 1.28 3.96
N SER A 9 11.14 0.82 3.02
CA SER A 9 12.17 1.66 2.42
C SER A 9 12.46 1.23 0.98
N ARG A 10 12.53 -0.08 0.76
CA ARG A 10 12.79 -0.62 -0.57
C ARG A 10 11.59 -1.42 -1.07
N ARG A 11 10.48 -1.36 -0.32
CA ARG A 11 9.28 -2.08 -0.70
C ARG A 11 8.03 -1.27 -0.35
N THR A 12 6.94 -1.52 -1.05
CA THR A 12 5.70 -0.82 -0.81
C THR A 12 4.54 -1.49 -1.53
N LYS A 13 4.86 -2.24 -2.57
CA LYS A 13 3.84 -2.95 -3.35
C LYS A 13 3.33 -4.17 -2.59
N LYS A 14 3.88 -4.39 -1.40
CA LYS A 14 3.48 -5.54 -0.59
C LYS A 14 2.13 -5.29 0.06
N CYS A 15 1.82 -4.02 0.32
CA CYS A 15 0.56 -3.65 0.95
C CYS A 15 -0.19 -2.63 0.09
N MET A 16 0.56 -1.78 -0.59
CA MET A 16 -0.04 -0.77 -1.45
C MET A 16 -0.96 -1.41 -2.48
N GLN A 17 -0.55 -2.56 -3.00
CA GLN A 17 -1.34 -3.27 -3.99
C GLN A 17 -2.78 -3.45 -3.51
N LYS A 18 -2.94 -4.16 -2.41
CA LYS A 18 -4.26 -4.40 -1.85
C LYS A 18 -4.94 -3.08 -1.49
N CYS A 19 -4.14 -2.12 -1.06
CA CYS A 19 -4.67 -0.81 -0.68
C CYS A 19 -5.04 -0.01 -1.94
N ASN A 20 -4.46 -0.40 -3.07
CA ASN A 20 -4.72 0.29 -4.33
C ASN A 20 -6.08 -0.14 -4.89
N ARG A 21 -6.40 -1.42 -4.73
CA ARG A 21 -7.67 -1.94 -5.22
C ARG A 21 -8.82 -1.45 -4.34
N GLU A 22 -8.56 -1.37 -3.04
CA GLU A 22 -9.59 -0.91 -2.10
C GLU A 22 -10.03 0.51 -2.45
N HIS A 23 -9.12 1.28 -3.04
CA HIS A 23 -9.43 2.65 -3.42
C HIS A 23 -10.01 2.71 -4.83
N GLY A 24 -9.97 1.57 -5.52
CA GLY A 24 -10.50 1.49 -6.88
C GLY A 24 -11.93 0.94 -6.88
N HIS A 25 -12.41 0.56 -5.70
CA HIS A 25 -13.75 0.01 -5.58
C HIS A 25 -14.75 0.89 -6.33
N NH2 A 26 -14.94 2.12 -5.94
HN1 NH2 A 26 -14.43 2.48 -5.18
HN2 NH2 A 26 -15.58 2.68 -6.42
N SER A 1 -4.88 4.69 7.61
CA SER A 1 -3.55 4.68 7.03
C SER A 1 -3.18 3.27 6.55
N CYS A 2 -2.97 3.13 5.25
CA CYS A 2 -2.61 1.84 4.67
C CYS A 2 -1.47 1.99 3.68
N LYS A 3 -1.47 3.10 2.93
CA LYS A 3 -0.42 3.34 1.96
C LYS A 3 0.90 3.62 2.64
N LYS A 4 0.97 4.73 3.38
CA LYS A 4 2.19 5.11 4.08
C LYS A 4 2.51 4.07 5.16
N GLU A 5 1.48 3.45 5.71
CA GLU A 5 1.67 2.45 6.75
C GLU A 5 2.45 1.26 6.22
N CYS A 6 2.00 0.72 5.09
CA CYS A 6 2.67 -0.43 4.48
C CYS A 6 4.06 -0.04 4.00
N SER A 7 4.16 1.11 3.35
CA SER A 7 5.44 1.59 2.83
C SER A 7 6.52 1.43 3.89
N GLY A 8 7.49 0.56 3.63
CA GLY A 8 8.58 0.34 4.56
C GLY A 8 9.78 1.22 4.22
N SER A 9 10.80 0.61 3.61
CA SER A 9 11.99 1.35 3.22
C SER A 9 12.34 1.08 1.77
N ARG A 10 12.67 -0.17 1.46
CA ARG A 10 13.02 -0.55 0.09
C ARG A 10 11.88 -1.33 -0.55
N ARG A 11 10.69 -1.22 0.01
CA ARG A 11 9.53 -1.92 -0.51
C ARG A 11 8.24 -1.20 -0.16
N THR A 12 7.20 -1.44 -0.95
CA THR A 12 5.91 -0.80 -0.71
C THR A 12 4.82 -1.47 -1.54
N LYS A 13 5.21 -2.06 -2.66
CA LYS A 13 4.25 -2.72 -3.54
C LYS A 13 3.85 -4.08 -2.95
N LYS A 14 4.33 -4.36 -1.75
CA LYS A 14 4.01 -5.62 -1.09
C LYS A 14 2.57 -5.61 -0.58
N CYS A 15 2.09 -4.43 -0.20
CA CYS A 15 0.73 -4.29 0.31
C CYS A 15 0.02 -3.12 -0.35
N MET A 16 0.80 -2.16 -0.82
CA MET A 16 0.24 -0.99 -1.48
C MET A 16 -0.57 -1.40 -2.71
N GLN A 17 -0.14 -2.47 -3.36
CA GLN A 17 -0.83 -2.96 -4.56
C GLN A 17 -2.31 -3.20 -4.25
N LYS A 18 -2.58 -4.04 -3.27
CA LYS A 18 -3.95 -4.34 -2.88
C LYS A 18 -4.67 -3.08 -2.43
N CYS A 19 -3.95 -2.22 -1.70
CA CYS A 19 -4.54 -0.98 -1.20
C CYS A 19 -4.67 0.03 -2.34
N ASN A 20 -3.91 -0.18 -3.41
CA ASN A 20 -3.96 0.72 -4.55
C ASN A 20 -5.20 0.45 -5.40
N ARG A 21 -5.62 -0.81 -5.43
CA ARG A 21 -6.80 -1.19 -6.20
C ARG A 21 -8.08 -0.98 -5.39
N GLU A 22 -7.99 -1.23 -4.10
CA GLU A 22 -9.14 -1.07 -3.22
C GLU A 22 -9.34 0.40 -2.86
N HIS A 23 -8.56 1.27 -3.49
CA HIS A 23 -8.65 2.70 -3.23
C HIS A 23 -10.05 3.22 -3.58
N GLY A 24 -10.76 2.48 -4.42
CA GLY A 24 -12.10 2.87 -4.82
C GLY A 24 -13.15 2.12 -4.01
N HIS A 25 -12.74 1.62 -2.85
CA HIS A 25 -13.67 0.90 -1.97
C HIS A 25 -14.83 1.79 -1.57
N NH2 A 26 -14.61 2.87 -0.87
HN1 NH2 A 26 -13.69 3.11 -0.61
HN2 NH2 A 26 -15.36 3.45 -0.61
N SER A 1 -2.85 5.01 8.43
CA SER A 1 -3.75 4.22 7.60
C SER A 1 -3.01 3.05 6.96
N CYS A 2 -2.93 3.05 5.64
CA CYS A 2 -2.25 1.99 4.92
C CYS A 2 -1.80 2.47 3.54
N LYS A 3 -2.17 3.69 3.21
CA LYS A 3 -1.80 4.26 1.91
C LYS A 3 -0.33 4.67 1.92
N LYS A 4 0.55 3.71 1.62
CA LYS A 4 1.98 3.99 1.59
C LYS A 4 2.51 4.18 3.01
N GLU A 5 1.60 4.23 3.98
CA GLU A 5 1.99 4.42 5.37
C GLU A 5 2.60 3.14 5.93
N CYS A 6 2.72 2.12 5.09
CA CYS A 6 3.28 0.85 5.50
C CYS A 6 4.59 0.58 4.77
N SER A 7 5.03 1.55 3.97
CA SER A 7 6.28 1.41 3.23
C SER A 7 7.40 0.92 4.14
N GLY A 8 8.21 -0.01 3.64
CA GLY A 8 9.32 -0.54 4.42
C GLY A 8 10.62 0.18 4.08
N SER A 9 11.61 -0.59 3.64
CA SER A 9 12.91 -0.02 3.29
C SER A 9 13.08 0.02 1.77
N ARG A 10 13.01 -1.15 1.14
CA ARG A 10 13.16 -1.25 -0.31
C ARG A 10 11.91 -1.85 -0.94
N ARG A 11 10.84 -1.93 -0.15
CA ARG A 11 9.59 -2.48 -0.65
C ARG A 11 8.41 -1.60 -0.22
N THR A 12 7.33 -1.63 -1.01
CA THR A 12 6.16 -0.83 -0.70
C THR A 12 4.91 -1.48 -1.26
N LYS A 13 5.07 -2.23 -2.36
CA LYS A 13 3.93 -2.91 -2.99
C LYS A 13 3.35 -3.96 -2.04
N LYS A 14 3.87 -4.00 -0.83
CA LYS A 14 3.40 -4.97 0.16
C LYS A 14 1.93 -4.71 0.50
N CYS A 15 1.63 -3.50 0.97
CA CYS A 15 0.27 -3.13 1.33
C CYS A 15 -0.25 -2.02 0.42
N MET A 16 0.67 -1.35 -0.28
CA MET A 16 0.29 -0.28 -1.18
C MET A 16 -0.63 -0.79 -2.29
N GLN A 17 -0.22 -1.87 -2.92
CA GLN A 17 -1.02 -2.47 -3.99
C GLN A 17 -2.44 -2.74 -3.52
N LYS A 18 -2.56 -3.45 -2.40
CA LYS A 18 -3.87 -3.77 -1.86
C LYS A 18 -4.64 -2.50 -1.53
N CYS A 19 -3.96 -1.52 -0.94
CA CYS A 19 -4.59 -0.26 -0.58
C CYS A 19 -4.80 0.60 -1.81
N ASN A 20 -4.13 0.23 -2.91
CA ASN A 20 -4.25 0.98 -4.16
C ASN A 20 -5.38 0.43 -5.01
N ARG A 21 -5.60 -0.89 -4.92
CA ARG A 21 -6.66 -1.53 -5.70
C ARG A 21 -8.00 -1.39 -5.00
N GLU A 22 -8.03 -1.72 -3.71
CA GLU A 22 -9.26 -1.64 -2.93
C GLU A 22 -9.79 -0.21 -2.92
N HIS A 23 -8.96 0.73 -3.38
CA HIS A 23 -9.36 2.14 -3.42
C HIS A 23 -10.37 2.38 -4.53
N GLY A 24 -10.52 1.41 -5.42
CA GLY A 24 -11.45 1.53 -6.54
C GLY A 24 -12.85 1.06 -6.13
N HIS A 25 -13.02 0.75 -4.85
CA HIS A 25 -14.30 0.28 -4.34
C HIS A 25 -15.44 1.10 -4.95
N NH2 A 26 -15.30 2.40 -5.06
HN1 NH2 A 26 -14.49 2.83 -4.75
HN2 NH2 A 26 -16.03 2.92 -5.45
N SER A 1 -2.16 6.96 4.44
CA SER A 1 -3.03 6.04 5.16
C SER A 1 -2.80 4.60 4.71
N CYS A 2 -2.01 4.44 3.66
CA CYS A 2 -1.70 3.11 3.13
C CYS A 2 -0.36 3.11 2.41
N LYS A 3 0.28 4.28 2.36
CA LYS A 3 1.57 4.40 1.69
C LYS A 3 2.70 4.44 2.71
N LYS A 4 2.79 5.54 3.44
CA LYS A 4 3.83 5.69 4.45
C LYS A 4 3.49 4.90 5.70
N GLU A 5 2.33 4.23 5.68
CA GLU A 5 1.89 3.44 6.82
C GLU A 5 2.14 1.95 6.56
N CYS A 6 2.56 1.63 5.34
CA CYS A 6 2.83 0.25 4.98
C CYS A 6 4.29 0.08 4.55
N SER A 7 4.87 1.15 4.02
CA SER A 7 6.25 1.12 3.57
C SER A 7 7.11 0.30 4.54
N GLY A 8 8.12 -0.38 4.00
CA GLY A 8 9.00 -1.20 4.83
C GLY A 8 10.44 -1.07 4.36
N SER A 9 10.90 -2.05 3.60
CA SER A 9 12.28 -2.03 3.10
C SER A 9 12.32 -1.53 1.66
N ARG A 10 12.47 -0.22 1.51
CA ARG A 10 12.52 0.38 0.18
C ARG A 10 11.35 -0.09 -0.67
N ARG A 11 10.38 -0.75 -0.02
CA ARG A 11 9.21 -1.24 -0.73
C ARG A 11 7.94 -0.60 -0.16
N THR A 12 6.83 -0.75 -0.88
CA THR A 12 5.56 -0.19 -0.44
C THR A 12 4.40 -0.80 -1.23
N LYS A 13 4.68 -1.23 -2.45
CA LYS A 13 3.66 -1.82 -3.30
C LYS A 13 3.27 -3.20 -2.77
N LYS A 14 3.89 -3.60 -1.67
CA LYS A 14 3.60 -4.91 -1.07
C LYS A 14 2.23 -4.90 -0.41
N CYS A 15 1.85 -3.77 0.17
CA CYS A 15 0.55 -3.64 0.82
C CYS A 15 -0.25 -2.50 0.21
N MET A 16 0.45 -1.47 -0.24
CA MET A 16 -0.22 -0.31 -0.83
C MET A 16 -1.06 -0.74 -2.04
N GLN A 17 -0.63 -1.81 -2.70
CA GLN A 17 -1.35 -2.30 -3.87
C GLN A 17 -2.74 -2.78 -3.48
N LYS A 18 -2.80 -3.70 -2.52
CA LYS A 18 -4.09 -4.22 -2.07
C LYS A 18 -4.97 -3.10 -1.53
N CYS A 19 -4.34 -2.11 -0.90
CA CYS A 19 -5.08 -0.98 -0.35
C CYS A 19 -5.57 -0.07 -1.46
N ASN A 20 -4.82 -0.03 -2.56
CA ASN A 20 -5.19 0.82 -3.71
C ASN A 20 -6.44 0.28 -4.38
N ARG A 21 -6.51 -1.05 -4.51
CA ARG A 21 -7.66 -1.68 -5.14
C ARG A 21 -8.89 -1.62 -4.23
N GLU A 22 -8.67 -1.91 -2.94
CA GLU A 22 -9.75 -1.88 -1.97
C GLU A 22 -10.64 -0.66 -2.19
N HIS A 23 -10.01 0.46 -2.54
CA HIS A 23 -10.76 1.70 -2.77
C HIS A 23 -11.37 1.69 -4.17
N GLY A 24 -10.54 1.38 -5.17
CA GLY A 24 -11.01 1.35 -6.55
C GLY A 24 -11.76 0.06 -6.84
N HIS A 25 -12.20 -0.62 -5.79
CA HIS A 25 -12.93 -1.87 -5.94
C HIS A 25 -14.06 -1.70 -6.96
N NH2 A 26 -14.77 -0.61 -6.94
HN1 NH2 A 26 -14.58 0.09 -6.29
HN2 NH2 A 26 -15.50 -0.49 -7.59
N SER A 1 -1.40 6.74 6.06
CA SER A 1 -2.53 6.04 6.68
C SER A 1 -2.50 4.56 6.32
N CYS A 2 -1.95 4.25 5.15
CA CYS A 2 -1.88 2.86 4.70
C CYS A 2 -0.68 2.66 3.79
N LYS A 3 -0.58 3.48 2.75
CA LYS A 3 0.54 3.38 1.81
C LYS A 3 1.87 3.50 2.54
N LYS A 4 2.29 4.73 2.79
CA LYS A 4 3.55 4.96 3.49
C LYS A 4 3.44 4.55 4.95
N GLU A 5 2.24 4.15 5.36
CA GLU A 5 2.02 3.73 6.74
C GLU A 5 2.41 2.27 6.93
N CYS A 6 2.18 1.46 5.90
CA CYS A 6 2.51 0.05 5.96
C CYS A 6 3.83 -0.23 5.25
N SER A 7 4.16 0.60 4.27
CA SER A 7 5.41 0.44 3.53
C SER A 7 6.56 0.13 4.48
N GLY A 8 7.64 -0.43 3.93
CA GLY A 8 8.80 -0.77 4.75
C GLY A 8 9.92 0.24 4.52
N SER A 9 10.87 -0.12 3.68
CA SER A 9 12.01 0.75 3.39
C SER A 9 12.17 0.94 1.89
N ARG A 10 12.40 -0.16 1.18
CA ARG A 10 12.58 -0.11 -0.27
C ARG A 10 11.37 -0.70 -0.98
N ARG A 11 10.52 -1.38 -0.21
CA ARG A 11 9.31 -1.98 -0.79
C ARG A 11 8.07 -1.21 -0.38
N THR A 12 7.10 -1.13 -1.28
CA THR A 12 5.86 -0.41 -1.00
C THR A 12 4.70 -1.07 -1.73
N LYS A 13 4.96 -1.62 -2.90
CA LYS A 13 3.92 -2.27 -3.69
C LYS A 13 3.30 -3.43 -2.90
N LYS A 14 4.00 -3.86 -1.86
CA LYS A 14 3.51 -4.96 -1.03
C LYS A 14 2.21 -4.58 -0.33
N CYS A 15 2.13 -3.32 0.10
CA CYS A 15 0.94 -2.85 0.80
C CYS A 15 0.15 -1.89 -0.09
N MET A 16 0.85 -1.13 -0.91
CA MET A 16 0.22 -0.18 -1.82
C MET A 16 -0.79 -0.90 -2.72
N GLN A 17 -0.37 -2.03 -3.27
CA GLN A 17 -1.24 -2.80 -4.15
C GLN A 17 -2.57 -3.10 -3.46
N LYS A 18 -2.50 -3.61 -2.24
CA LYS A 18 -3.70 -3.95 -1.49
C LYS A 18 -4.56 -2.70 -1.28
N CYS A 19 -3.91 -1.58 -0.97
CA CYS A 19 -4.62 -0.34 -0.74
C CYS A 19 -5.21 0.20 -2.05
N ASN A 20 -4.55 -0.12 -3.15
CA ASN A 20 -5.02 0.34 -4.46
C ASN A 20 -6.22 -0.47 -4.90
N ARG A 21 -6.12 -1.79 -4.78
CA ARG A 21 -7.22 -2.68 -5.17
C ARG A 21 -8.48 -2.36 -4.36
N GLU A 22 -8.38 -2.54 -3.04
CA GLU A 22 -9.52 -2.28 -2.16
C GLU A 22 -10.11 -0.91 -2.43
N HIS A 23 -9.27 0.00 -2.94
CA HIS A 23 -9.72 1.35 -3.23
C HIS A 23 -10.31 1.42 -4.64
N GLY A 24 -10.61 0.26 -5.21
CA GLY A 24 -11.17 0.19 -6.55
C GLY A 24 -12.68 0.50 -6.52
N HIS A 25 -13.12 1.10 -5.42
CA HIS A 25 -14.53 1.45 -5.28
C HIS A 25 -14.90 2.59 -6.21
N NH2 A 26 -14.25 2.75 -7.32
HN1 NH2 A 26 -13.52 2.14 -7.55
HN2 NH2 A 26 -14.48 3.50 -7.93
N SER A 1 -5.34 6.15 4.98
CA SER A 1 -3.92 5.86 5.11
C SER A 1 -3.63 4.43 4.66
N CYS A 2 -2.67 4.28 3.75
CA CYS A 2 -2.30 2.97 3.25
C CYS A 2 -0.88 2.99 2.69
N LYS A 3 -0.34 4.19 2.53
CA LYS A 3 1.01 4.33 2.00
C LYS A 3 2.05 4.33 3.12
N LYS A 4 1.93 5.31 4.02
CA LYS A 4 2.86 5.41 5.14
C LYS A 4 2.54 4.36 6.20
N GLU A 5 1.52 3.55 5.94
CA GLU A 5 1.12 2.50 6.87
C GLU A 5 1.42 1.13 6.29
N CYS A 6 2.29 1.10 5.28
CA CYS A 6 2.66 -0.15 4.64
C CYS A 6 4.14 -0.16 4.28
N SER A 7 4.68 1.02 3.99
CA SER A 7 6.09 1.14 3.62
C SER A 7 6.95 0.26 4.52
N GLY A 8 7.95 -0.38 3.93
CA GLY A 8 8.84 -1.26 4.69
C GLY A 8 10.30 -1.02 4.32
N SER A 9 10.96 -2.06 3.81
CA SER A 9 12.35 -1.95 3.41
C SER A 9 12.47 -1.37 2.00
N ARG A 10 12.48 -0.05 1.90
CA ARG A 10 12.59 0.61 0.61
C ARG A 10 11.53 0.08 -0.35
N ARG A 11 10.46 -0.47 0.20
CA ARG A 11 9.38 -1.02 -0.61
C ARG A 11 8.02 -0.55 -0.10
N THR A 12 7.04 -0.53 -0.98
CA THR A 12 5.70 -0.10 -0.60
C THR A 12 4.64 -0.72 -1.53
N LYS A 13 5.05 -1.01 -2.76
CA LYS A 13 4.15 -1.61 -3.74
C LYS A 13 3.86 -3.06 -3.38
N LYS A 14 4.42 -3.50 -2.26
CA LYS A 14 4.21 -4.88 -1.81
C LYS A 14 2.76 -5.10 -1.38
N CYS A 15 2.19 -4.10 -0.71
CA CYS A 15 0.81 -4.18 -0.25
C CYS A 15 0.01 -2.96 -0.69
N MET A 16 0.70 -1.85 -0.87
CA MET A 16 0.05 -0.62 -1.30
C MET A 16 -0.79 -0.87 -2.55
N GLN A 17 -0.21 -1.60 -3.51
CA GLN A 17 -0.92 -1.91 -4.75
C GLN A 17 -2.26 -2.56 -4.47
N LYS A 18 -2.22 -3.70 -3.78
CA LYS A 18 -3.44 -4.42 -3.45
C LYS A 18 -4.41 -3.52 -2.69
N CYS A 19 -3.85 -2.61 -1.88
CA CYS A 19 -4.67 -1.69 -1.11
C CYS A 19 -5.27 -0.61 -2.01
N ASN A 20 -4.49 -0.18 -2.99
CA ASN A 20 -4.95 0.86 -3.91
C ASN A 20 -6.19 0.38 -4.68
N ARG A 21 -6.20 -0.90 -5.02
CA ARG A 21 -7.33 -1.47 -5.75
C ARG A 21 -8.52 -1.69 -4.82
N GLU A 22 -8.24 -2.16 -3.61
CA GLU A 22 -9.28 -2.42 -2.63
C GLU A 22 -9.89 -1.11 -2.14
N HIS A 23 -9.03 -0.12 -1.88
CA HIS A 23 -9.49 1.17 -1.41
C HIS A 23 -10.27 1.90 -2.51
N GLY A 24 -10.35 1.28 -3.68
CA GLY A 24 -11.08 1.86 -4.80
C GLY A 24 -12.57 1.62 -4.67
N HIS A 25 -13.01 1.22 -3.48
CA HIS A 25 -14.42 0.95 -3.23
C HIS A 25 -15.24 2.23 -3.35
N NH2 A 26 -14.96 3.23 -2.56
HN1 NH2 A 26 -14.23 3.16 -1.91
HN2 NH2 A 26 -15.49 4.06 -2.63
N SER A 1 -4.36 4.70 6.84
CA SER A 1 -3.34 4.01 7.62
C SER A 1 -2.81 2.80 6.86
N CYS A 2 -2.82 2.90 5.53
CA CYS A 2 -2.33 1.81 4.70
C CYS A 2 -1.70 2.36 3.42
N LYS A 3 -2.33 3.39 2.86
CA LYS A 3 -1.82 3.99 1.63
C LYS A 3 -0.31 4.23 1.73
N LYS A 4 0.08 5.44 2.10
CA LYS A 4 1.50 5.78 2.22
C LYS A 4 2.04 5.30 3.56
N GLU A 5 1.20 4.62 4.33
CA GLU A 5 1.62 4.10 5.64
C GLU A 5 1.79 2.59 5.58
N CYS A 6 2.93 2.15 5.05
CA CYS A 6 3.21 0.72 4.95
C CYS A 6 4.64 0.50 4.47
N SER A 7 5.09 1.35 3.56
CA SER A 7 6.45 1.22 3.02
C SER A 7 7.44 0.87 4.13
N GLY A 8 8.40 0.02 3.81
CA GLY A 8 9.41 -0.40 4.78
C GLY A 8 10.77 0.15 4.42
N SER A 9 11.12 0.07 3.14
CA SER A 9 12.41 0.56 2.67
C SER A 9 12.66 0.13 1.23
N ARG A 10 12.71 -1.18 1.01
CA ARG A 10 12.94 -1.71 -0.33
C ARG A 10 11.67 -2.38 -0.87
N ARG A 11 10.60 -2.30 -0.10
CA ARG A 11 9.32 -2.89 -0.51
C ARG A 11 8.16 -1.98 -0.14
N THR A 12 7.20 -1.86 -1.04
CA THR A 12 6.03 -1.02 -0.80
C THR A 12 4.78 -1.66 -1.39
N LYS A 13 4.98 -2.51 -2.39
CA LYS A 13 3.86 -3.18 -3.04
C LYS A 13 3.23 -4.22 -2.12
N LYS A 14 3.80 -4.34 -0.92
CA LYS A 14 3.31 -5.32 0.05
C LYS A 14 1.90 -4.95 0.50
N CYS A 15 1.69 -3.67 0.78
CA CYS A 15 0.38 -3.20 1.23
C CYS A 15 -0.19 -2.17 0.26
N MET A 16 0.70 -1.41 -0.38
CA MET A 16 0.28 -0.39 -1.32
C MET A 16 -0.68 -0.98 -2.36
N GLN A 17 -0.36 -2.17 -2.84
CA GLN A 17 -1.20 -2.84 -3.83
C GLN A 17 -2.60 -3.06 -3.28
N LYS A 18 -2.69 -3.72 -2.13
CA LYS A 18 -3.98 -3.99 -1.50
C LYS A 18 -4.76 -2.69 -1.33
N CYS A 19 -4.06 -1.61 -1.03
CA CYS A 19 -4.70 -0.32 -0.84
C CYS A 19 -5.17 0.25 -2.18
N ASN A 20 -4.36 0.06 -3.21
CA ASN A 20 -4.71 0.55 -4.54
C ASN A 20 -5.99 -0.10 -5.03
N ARG A 21 -6.23 -1.33 -4.62
CA ARG A 21 -7.43 -2.05 -5.02
C ARG A 21 -8.63 -1.60 -4.20
N GLU A 22 -8.42 -1.45 -2.89
CA GLU A 22 -9.49 -1.01 -2.00
C GLU A 22 -9.86 0.45 -2.26
N HIS A 23 -8.85 1.29 -2.39
CA HIS A 23 -9.08 2.71 -2.64
C HIS A 23 -9.48 2.93 -4.11
N GLY A 24 -9.20 1.94 -4.95
CA GLY A 24 -9.54 2.04 -6.36
C GLY A 24 -10.89 1.41 -6.65
N HIS A 25 -11.75 1.36 -5.63
CA HIS A 25 -13.08 0.79 -5.77
C HIS A 25 -14.08 1.86 -6.21
N NH2 A 26 -14.16 2.97 -5.52
HN1 NH2 A 26 -13.59 3.11 -4.74
HN2 NH2 A 26 -14.80 3.66 -5.80
N SER A 1 -4.31 4.69 7.44
CA SER A 1 -3.04 3.99 7.67
C SER A 1 -2.98 2.69 6.89
N CYS A 2 -2.82 2.81 5.57
CA CYS A 2 -2.76 1.63 4.72
C CYS A 2 -2.06 1.96 3.40
N LYS A 3 -2.33 3.15 2.88
CA LYS A 3 -1.72 3.58 1.62
C LYS A 3 -0.21 3.70 1.77
N LYS A 4 0.28 4.93 1.78
CA LYS A 4 1.72 5.16 1.92
C LYS A 4 2.22 4.60 3.23
N GLU A 5 1.32 4.41 4.18
CA GLU A 5 1.70 3.87 5.49
C GLU A 5 2.29 2.48 5.34
N CYS A 6 2.02 1.85 4.20
CA CYS A 6 2.53 0.50 3.95
C CYS A 6 4.00 0.56 3.56
N SER A 7 4.47 1.74 3.16
CA SER A 7 5.85 1.91 2.75
C SER A 7 6.80 1.44 3.86
N GLY A 8 7.57 0.40 3.57
CA GLY A 8 8.50 -0.14 4.55
C GLY A 8 9.93 0.27 4.21
N SER A 9 10.79 -0.72 4.00
CA SER A 9 12.20 -0.45 3.67
C SER A 9 12.55 -1.06 2.31
N ARG A 10 12.89 -0.21 1.36
CA ARG A 10 13.25 -0.66 0.02
C ARG A 10 12.12 -1.49 -0.59
N ARG A 11 10.91 -1.30 -0.06
CA ARG A 11 9.75 -2.04 -0.55
C ARG A 11 8.48 -1.23 -0.35
N THR A 12 7.55 -1.36 -1.29
CA THR A 12 6.29 -0.64 -1.19
C THR A 12 5.13 -1.51 -1.71
N LYS A 13 5.44 -2.35 -2.69
CA LYS A 13 4.42 -3.24 -3.26
C LYS A 13 3.92 -4.22 -2.22
N LYS A 14 4.46 -4.12 -1.00
CA LYS A 14 4.05 -5.02 0.07
C LYS A 14 2.54 -5.00 0.25
N CYS A 15 1.98 -3.80 0.43
CA CYS A 15 0.55 -3.66 0.62
C CYS A 15 0.01 -2.51 -0.23
N MET A 16 0.91 -1.73 -0.80
CA MET A 16 0.50 -0.60 -1.64
C MET A 16 -0.59 -1.01 -2.61
N GLN A 17 -0.36 -2.09 -3.34
CA GLN A 17 -1.33 -2.56 -4.32
C GLN A 17 -2.49 -3.25 -3.62
N LYS A 18 -2.17 -4.07 -2.64
CA LYS A 18 -3.20 -4.78 -1.89
C LYS A 18 -4.10 -3.81 -1.15
N CYS A 19 -3.71 -2.55 -1.13
CA CYS A 19 -4.50 -1.52 -0.45
C CYS A 19 -5.23 -0.66 -1.47
N ASN A 20 -4.53 -0.22 -2.51
CA ASN A 20 -5.13 0.61 -3.53
C ASN A 20 -6.39 -0.06 -4.09
N ARG A 21 -6.40 -1.39 -4.09
CA ARG A 21 -7.55 -2.13 -4.59
C ARG A 21 -8.83 -1.69 -3.88
N GLU A 22 -8.67 -1.14 -2.67
CA GLU A 22 -9.80 -0.67 -1.90
C GLU A 22 -10.12 0.79 -2.21
N HIS A 23 -9.13 1.65 -2.00
CA HIS A 23 -9.30 3.08 -2.27
C HIS A 23 -9.62 3.31 -3.74
N GLY A 24 -9.41 2.29 -4.55
CA GLY A 24 -9.68 2.39 -5.98
C GLY A 24 -11.15 2.11 -6.29
N HIS A 25 -11.88 1.69 -5.27
CA HIS A 25 -13.30 1.40 -5.43
C HIS A 25 -14.14 2.67 -5.31
N NH2 A 26 -13.72 3.63 -4.54
HN1 NH2 A 26 -12.88 3.54 -4.04
HN2 NH2 A 26 -14.25 4.45 -4.44
N SER A 1 -3.50 1.89 7.95
CA SER A 1 -2.32 2.63 7.50
C SER A 1 -1.77 2.04 6.20
N CYS A 2 -2.10 2.69 5.08
CA CYS A 2 -1.64 2.22 3.78
C CYS A 2 -1.24 3.39 2.89
N LYS A 3 -2.08 4.42 2.87
CA LYS A 3 -1.80 5.60 2.06
C LYS A 3 -0.43 6.16 2.39
N LYS A 4 0.49 6.04 1.42
CA LYS A 4 1.85 6.54 1.62
C LYS A 4 2.62 5.65 2.58
N GLU A 5 1.95 5.23 3.64
CA GLU A 5 2.58 4.37 4.64
C GLU A 5 2.90 3.00 4.04
N CYS A 6 2.82 1.96 4.87
CA CYS A 6 3.10 0.61 4.40
C CYS A 6 4.53 0.49 3.90
N SER A 7 5.29 1.57 4.04
CA SER A 7 6.68 1.58 3.60
C SER A 7 7.57 0.87 4.60
N GLY A 8 8.01 -0.33 4.24
CA GLY A 8 8.88 -1.10 5.13
C GLY A 8 10.34 -0.94 4.76
N SER A 9 10.95 -2.01 4.28
CA SER A 9 12.35 -1.98 3.89
C SER A 9 12.49 -1.86 2.37
N ARG A 10 12.57 -0.63 1.87
CA ARG A 10 12.71 -0.40 0.44
C ARG A 10 11.55 -1.06 -0.31
N ARG A 11 10.44 -1.28 0.39
CA ARG A 11 9.28 -1.90 -0.23
C ARG A 11 8.00 -1.24 0.26
N THR A 12 7.04 -1.08 -0.65
CA THR A 12 5.77 -0.46 -0.30
C THR A 12 4.63 -1.03 -1.15
N LYS A 13 4.99 -1.56 -2.32
CA LYS A 13 3.99 -2.13 -3.22
C LYS A 13 3.58 -3.51 -2.75
N LYS A 14 4.11 -3.93 -1.61
CA LYS A 14 3.79 -5.25 -1.05
C LYS A 14 2.38 -5.25 -0.48
N CYS A 15 1.95 -4.11 0.06
CA CYS A 15 0.62 -4.00 0.64
C CYS A 15 -0.12 -2.80 0.05
N MET A 16 0.62 -1.76 -0.29
CA MET A 16 0.02 -0.56 -0.87
C MET A 16 -0.85 -0.92 -2.07
N GLN A 17 -0.37 -1.86 -2.88
CA GLN A 17 -1.11 -2.28 -4.05
C GLN A 17 -2.50 -2.80 -3.67
N LYS A 18 -2.54 -3.67 -2.67
CA LYS A 18 -3.80 -4.24 -2.22
C LYS A 18 -4.73 -3.14 -1.73
N CYS A 19 -4.16 -2.13 -1.09
CA CYS A 19 -4.96 -1.01 -0.58
C CYS A 19 -5.45 -0.14 -1.73
N ASN A 20 -4.64 -0.02 -2.77
CA ASN A 20 -5.00 0.79 -3.93
C ASN A 20 -6.19 0.17 -4.65
N ARG A 21 -6.20 -1.15 -4.75
CA ARG A 21 -7.29 -1.86 -5.42
C ARG A 21 -8.57 -1.74 -4.61
N GLU A 22 -8.46 -1.94 -3.30
CA GLU A 22 -9.63 -1.85 -2.43
C GLU A 22 -10.20 -0.44 -2.44
N HIS A 23 -9.36 0.54 -2.11
CA HIS A 23 -9.79 1.93 -2.08
C HIS A 23 -10.08 2.44 -3.49
N GLY A 24 -10.06 1.52 -4.45
CA GLY A 24 -10.32 1.88 -5.84
C GLY A 24 -11.79 1.68 -6.20
N HIS A 25 -12.55 1.13 -5.25
CA HIS A 25 -13.96 0.88 -5.48
C HIS A 25 -14.66 2.14 -5.95
N NH2 A 26 -15.34 2.13 -7.08
HN1 NH2 A 26 -15.39 1.30 -7.61
HN2 NH2 A 26 -15.79 2.94 -7.38
N SER A 1 -2.59 6.80 7.51
CA SER A 1 -2.47 6.63 6.06
C SER A 1 -2.55 5.15 5.70
N CYS A 2 -2.15 4.82 4.48
CA CYS A 2 -2.18 3.44 4.01
C CYS A 2 -0.97 3.14 3.14
N LYS A 3 -0.27 4.19 2.72
CA LYS A 3 0.91 4.02 1.88
C LYS A 3 2.16 3.90 2.73
N LYS A 4 2.46 4.97 3.48
CA LYS A 4 3.63 4.97 4.34
C LYS A 4 3.39 4.15 5.60
N GLU A 5 2.12 4.07 6.01
CA GLU A 5 1.75 3.32 7.20
C GLU A 5 1.70 1.82 6.91
N CYS A 6 2.40 1.41 5.86
CA CYS A 6 2.42 0.00 5.47
C CYS A 6 3.78 -0.37 4.86
N SER A 7 4.31 0.54 4.06
CA SER A 7 5.60 0.31 3.41
C SER A 7 6.62 -0.21 4.42
N GLY A 8 7.66 -0.85 3.92
CA GLY A 8 8.70 -1.40 4.78
C GLY A 8 9.88 -0.44 4.90
N SER A 9 10.72 -0.43 3.87
CA SER A 9 11.89 0.45 3.85
C SER A 9 12.12 1.01 2.45
N ARG A 10 12.15 0.11 1.46
CA ARG A 10 12.36 0.51 0.08
C ARG A 10 11.32 -0.12 -0.83
N ARG A 11 10.28 -0.69 -0.22
CA ARG A 11 9.22 -1.33 -1.00
C ARG A 11 7.85 -0.92 -0.46
N THR A 12 6.83 -1.02 -1.31
CA THR A 12 5.48 -0.65 -0.92
C THR A 12 4.45 -1.32 -1.82
N LYS A 13 4.83 -1.52 -3.08
CA LYS A 13 3.93 -2.16 -4.04
C LYS A 13 3.29 -3.39 -3.43
N LYS A 14 3.96 -4.00 -2.46
CA LYS A 14 3.44 -5.19 -1.80
C LYS A 14 2.16 -4.87 -1.02
N CYS A 15 2.16 -3.71 -0.36
CA CYS A 15 1.00 -3.29 0.43
C CYS A 15 0.19 -2.26 -0.34
N MET A 16 0.81 -1.67 -1.36
CA MET A 16 0.14 -0.66 -2.17
C MET A 16 -0.93 -1.30 -3.05
N GLN A 17 -0.64 -2.49 -3.56
CA GLN A 17 -1.58 -3.20 -4.42
C GLN A 17 -2.84 -3.57 -3.64
N LYS A 18 -2.67 -3.88 -2.36
CA LYS A 18 -3.80 -4.25 -1.52
C LYS A 18 -4.66 -3.03 -1.22
N CYS A 19 -4.02 -1.91 -0.92
CA CYS A 19 -4.75 -0.68 -0.62
C CYS A 19 -5.31 -0.07 -1.90
N ASN A 20 -4.73 -0.46 -3.03
CA ASN A 20 -5.18 0.07 -4.32
C ASN A 20 -6.43 -0.65 -4.78
N ARG A 21 -6.46 -1.97 -4.62
CA ARG A 21 -7.61 -2.77 -5.02
C ARG A 21 -8.81 -2.49 -4.10
N GLU A 22 -8.54 -2.50 -2.80
CA GLU A 22 -9.60 -2.24 -1.82
C GLU A 22 -10.17 -0.84 -2.00
N HIS A 23 -9.29 0.15 -2.03
CA HIS A 23 -9.72 1.54 -2.21
C HIS A 23 -9.80 1.89 -3.69
N GLY A 24 -9.82 0.86 -4.53
CA GLY A 24 -9.90 1.08 -5.97
C GLY A 24 -11.34 1.33 -6.41
N HIS A 25 -12.26 1.26 -5.45
CA HIS A 25 -13.68 1.48 -5.74
C HIS A 25 -14.01 2.97 -5.67
N NH2 A 26 -14.11 3.65 -6.78
HN1 NH2 A 26 -13.98 3.21 -7.64
HN2 NH2 A 26 -14.32 4.61 -6.75
N SER A 1 -2.48 6.74 5.43
CA SER A 1 -2.66 5.86 6.58
C SER A 1 -2.75 4.41 6.14
N CYS A 2 -1.94 4.04 5.15
CA CYS A 2 -1.94 2.67 4.63
C CYS A 2 -0.65 2.39 3.87
N LYS A 3 -0.57 2.89 2.65
CA LYS A 3 0.61 2.68 1.82
C LYS A 3 1.86 3.22 2.51
N LYS A 4 1.97 4.54 2.57
CA LYS A 4 3.11 5.17 3.22
C LYS A 4 3.14 4.84 4.71
N GLU A 5 2.18 4.04 5.15
CA GLU A 5 2.10 3.66 6.55
C GLU A 5 2.67 2.26 6.76
N CYS A 6 2.33 1.35 5.85
CA CYS A 6 2.81 -0.02 5.94
C CYS A 6 4.18 -0.15 5.29
N SER A 7 4.47 0.73 4.34
CA SER A 7 5.75 0.70 3.64
C SER A 7 6.88 0.43 4.61
N GLY A 8 7.96 -0.16 4.12
CA GLY A 8 9.12 -0.47 4.95
C GLY A 8 10.27 0.48 4.65
N SER A 9 11.28 -0.03 3.94
CA SER A 9 12.44 0.78 3.59
C SER A 9 12.62 0.82 2.07
N ARG A 10 12.42 -0.32 1.42
CA ARG A 10 12.56 -0.39 -0.03
C ARG A 10 11.40 -1.16 -0.65
N ARG A 11 10.39 -1.46 0.17
CA ARG A 11 9.22 -2.20 -0.31
C ARG A 11 7.94 -1.42 -0.03
N THR A 12 7.06 -1.36 -1.02
CA THR A 12 5.81 -0.65 -0.88
C THR A 12 4.80 -1.14 -1.92
N LYS A 13 5.29 -1.86 -2.91
CA LYS A 13 4.41 -2.38 -3.96
C LYS A 13 3.48 -3.46 -3.41
N LYS A 14 3.60 -3.72 -2.11
CA LYS A 14 2.76 -4.73 -1.48
C LYS A 14 1.50 -4.11 -0.91
N CYS A 15 1.63 -3.41 0.21
CA CYS A 15 0.48 -2.77 0.84
C CYS A 15 -0.15 -1.75 -0.10
N MET A 16 0.67 -1.09 -0.91
CA MET A 16 0.16 -0.10 -1.84
C MET A 16 -0.84 -0.73 -2.79
N GLN A 17 -0.43 -1.79 -3.48
CA GLN A 17 -1.31 -2.47 -4.41
C GLN A 17 -2.60 -2.90 -3.73
N LYS A 18 -2.47 -3.43 -2.52
CA LYS A 18 -3.64 -3.89 -1.76
C LYS A 18 -4.58 -2.72 -1.48
N CYS A 19 -4.01 -1.58 -1.10
CA CYS A 19 -4.82 -0.41 -0.81
C CYS A 19 -5.37 0.19 -2.10
N ASN A 20 -4.64 0.02 -3.18
CA ASN A 20 -5.06 0.55 -4.47
C ASN A 20 -6.33 -0.15 -4.94
N ARG A 21 -6.40 -1.47 -4.73
CA ARG A 21 -7.57 -2.24 -5.13
C ARG A 21 -8.76 -1.91 -4.24
N GLU A 22 -8.50 -1.75 -2.95
CA GLU A 22 -9.57 -1.43 -2.00
C GLU A 22 -10.10 -0.03 -2.25
N HIS A 23 -9.34 0.77 -2.98
CA HIS A 23 -9.75 2.14 -3.29
C HIS A 23 -10.71 2.16 -4.47
N GLY A 24 -10.49 1.25 -5.42
CA GLY A 24 -11.35 1.17 -6.60
C GLY A 24 -12.57 0.29 -6.33
N HIS A 25 -12.58 -0.36 -5.18
CA HIS A 25 -13.70 -1.22 -4.82
C HIS A 25 -14.97 -0.40 -4.59
N NH2 A 26 -14.96 0.55 -3.70
HN1 NH2 A 26 -14.15 0.74 -3.18
HN2 NH2 A 26 -15.76 1.09 -3.53
N SER A 1 -3.87 4.05 7.26
CA SER A 1 -2.43 4.22 7.30
C SER A 1 -1.74 3.13 6.49
N CYS A 2 -1.67 3.33 5.17
CA CYS A 2 -1.04 2.35 4.30
C CYS A 2 -0.23 3.05 3.21
N LYS A 3 -0.65 4.26 2.85
CA LYS A 3 0.03 5.02 1.81
C LYS A 3 1.39 5.50 2.31
N LYS A 4 2.45 4.86 1.83
CA LYS A 4 3.80 5.24 2.23
C LYS A 4 4.00 5.02 3.72
N GLU A 5 2.96 4.51 4.38
CA GLU A 5 3.03 4.25 5.82
C GLU A 5 3.30 2.78 6.08
N CYS A 6 2.51 1.91 5.45
CA CYS A 6 2.68 0.47 5.62
C CYS A 6 4.02 0.02 5.07
N SER A 7 4.63 0.86 4.25
CA SER A 7 5.93 0.54 3.67
C SER A 7 6.84 -0.11 4.71
N GLY A 8 7.79 -0.91 4.24
CA GLY A 8 8.71 -1.60 5.14
C GLY A 8 10.04 -0.86 5.22
N SER A 9 11.06 -1.39 4.55
CA SER A 9 12.37 -0.77 4.56
C SER A 9 12.71 -0.20 3.18
N ARG A 10 12.10 -0.76 2.14
CA ARG A 10 12.34 -0.30 0.78
C ARG A 10 11.19 -0.72 -0.14
N ARG A 11 10.30 -1.55 0.39
CA ARG A 11 9.17 -2.03 -0.40
C ARG A 11 7.89 -1.31 0.02
N THR A 12 6.95 -1.20 -0.91
CA THR A 12 5.68 -0.53 -0.62
C THR A 12 4.60 -1.00 -1.58
N LYS A 13 5.01 -1.38 -2.79
CA LYS A 13 4.06 -1.86 -3.80
C LYS A 13 3.11 -2.88 -3.18
N LYS A 14 3.47 -3.39 -2.01
CA LYS A 14 2.64 -4.38 -1.33
C LYS A 14 1.33 -3.75 -0.86
N CYS A 15 1.44 -2.85 0.12
CA CYS A 15 0.25 -2.17 0.65
C CYS A 15 -0.29 -1.16 -0.35
N MET A 16 0.62 -0.49 -1.05
CA MET A 16 0.23 0.51 -2.03
C MET A 16 -0.76 -0.09 -3.03
N GLN A 17 -0.35 -1.17 -3.69
CA GLN A 17 -1.22 -1.83 -4.67
C GLN A 17 -2.49 -2.34 -4.00
N LYS A 18 -2.34 -2.94 -2.83
CA LYS A 18 -3.49 -3.47 -2.11
C LYS A 18 -4.47 -2.34 -1.77
N CYS A 19 -3.93 -1.17 -1.48
CA CYS A 19 -4.77 -0.03 -1.13
C CYS A 19 -5.46 0.51 -2.37
N ASN A 20 -4.75 0.53 -3.50
CA ASN A 20 -5.32 1.02 -4.74
C ASN A 20 -6.53 0.20 -5.14
N ARG A 21 -6.49 -1.11 -4.85
CA ARG A 21 -7.60 -1.99 -5.18
C ARG A 21 -8.73 -1.83 -4.18
N GLU A 22 -8.39 -1.89 -2.89
CA GLU A 22 -9.39 -1.75 -1.84
C GLU A 22 -10.28 -0.54 -2.11
N HIS A 23 -9.73 0.46 -2.78
CA HIS A 23 -10.48 1.67 -3.10
C HIS A 23 -11.39 1.42 -4.30
N GLY A 24 -10.99 0.50 -5.17
CA GLY A 24 -11.78 0.17 -6.34
C GLY A 24 -12.55 -1.13 -6.15
N HIS A 25 -12.72 -1.53 -4.89
CA HIS A 25 -13.43 -2.76 -4.58
C HIS A 25 -14.94 -2.54 -4.64
N NH2 A 26 -15.73 -3.54 -4.92
HN1 NH2 A 26 -15.34 -4.43 -5.08
HN2 NH2 A 26 -16.69 -3.41 -4.96
N SER A 1 -4.42 5.03 5.92
CA SER A 1 -4.25 3.71 6.53
C SER A 1 -3.42 2.80 5.63
N CYS A 2 -2.76 3.40 4.64
CA CYS A 2 -1.94 2.62 3.72
C CYS A 2 -0.92 3.52 3.03
N LYS A 3 -1.20 3.88 1.78
CA LYS A 3 -0.32 4.74 1.00
C LYS A 3 1.14 4.41 1.30
N LYS A 4 1.75 5.18 2.22
CA LYS A 4 3.15 4.97 2.59
C LYS A 4 3.26 4.61 4.07
N GLU A 5 2.11 4.61 4.76
CA GLU A 5 2.10 4.28 6.18
C GLU A 5 2.46 2.82 6.41
N CYS A 6 2.74 2.11 5.32
CA CYS A 6 3.10 0.70 5.40
C CYS A 6 4.48 0.46 4.81
N SER A 7 5.30 1.51 4.78
CA SER A 7 6.65 1.40 4.24
C SER A 7 7.49 0.43 5.07
N GLY A 8 8.02 -0.60 4.42
CA GLY A 8 8.83 -1.59 5.12
C GLY A 8 10.31 -1.38 4.80
N SER A 9 10.89 -2.32 4.07
CA SER A 9 12.31 -2.24 3.71
C SER A 9 12.46 -1.95 2.22
N ARG A 10 12.69 -0.68 1.88
CA ARG A 10 12.86 -0.28 0.49
C ARG A 10 11.70 -0.81 -0.36
N ARG A 11 10.65 -1.28 0.31
CA ARG A 11 9.48 -1.80 -0.39
C ARG A 11 8.20 -1.15 0.13
N THR A 12 7.21 -1.04 -0.75
CA THR A 12 5.93 -0.43 -0.37
C THR A 12 4.89 -0.70 -1.45
N LYS A 13 5.34 -0.94 -2.67
CA LYS A 13 4.43 -1.21 -3.77
C LYS A 13 3.53 -2.39 -3.43
N LYS A 14 3.95 -3.19 -2.45
CA LYS A 14 3.18 -4.35 -2.05
C LYS A 14 1.87 -3.92 -1.41
N CYS A 15 1.95 -3.35 -0.21
CA CYS A 15 0.76 -2.90 0.50
C CYS A 15 0.08 -1.78 -0.26
N MET A 16 0.88 -0.86 -0.81
CA MET A 16 0.34 0.26 -1.56
C MET A 16 -0.64 -0.23 -2.63
N GLN A 17 -0.14 -1.03 -3.56
CA GLN A 17 -0.97 -1.56 -4.63
C GLN A 17 -2.18 -2.30 -4.05
N LYS A 18 -1.93 -3.10 -3.03
CA LYS A 18 -3.01 -3.86 -2.40
C LYS A 18 -4.07 -2.94 -1.82
N CYS A 19 -3.63 -1.87 -1.17
CA CYS A 19 -4.55 -0.90 -0.58
C CYS A 19 -5.23 -0.07 -1.66
N ASN A 20 -4.47 0.23 -2.71
CA ASN A 20 -4.99 1.02 -3.82
C ASN A 20 -6.11 0.26 -4.53
N ARG A 21 -5.94 -1.05 -4.66
CA ARG A 21 -6.93 -1.89 -5.34
C ARG A 21 -8.18 -2.02 -4.48
N GLU A 22 -7.99 -2.33 -3.20
CA GLU A 22 -9.11 -2.49 -2.28
C GLU A 22 -9.92 -1.21 -2.20
N HIS A 23 -9.34 -0.11 -2.68
CA HIS A 23 -10.01 1.18 -2.65
C HIS A 23 -10.88 1.36 -3.89
N GLY A 24 -11.09 0.27 -4.62
CA GLY A 24 -11.90 0.31 -5.83
C GLY A 24 -13.38 0.15 -5.51
N HIS A 25 -13.74 0.45 -4.26
CA HIS A 25 -15.12 0.33 -3.82
C HIS A 25 -15.93 1.54 -4.28
N NH2 A 26 -15.33 2.67 -4.50
HN1 NH2 A 26 -14.36 2.74 -4.37
HN2 NH2 A 26 -15.85 3.45 -4.79
N SER A 1 -2.72 4.80 6.27
CA SER A 1 -3.27 3.45 6.39
C SER A 1 -2.44 2.47 5.58
N CYS A 2 -1.98 2.91 4.41
CA CYS A 2 -1.18 2.05 3.55
C CYS A 2 -0.39 2.90 2.55
N LYS A 3 -1.06 3.81 1.87
CA LYS A 3 -0.41 4.67 0.89
C LYS A 3 0.83 5.32 1.50
N LYS A 4 0.95 5.23 2.82
CA LYS A 4 2.07 5.82 3.53
C LYS A 4 2.57 4.89 4.63
N GLU A 5 1.79 3.87 4.92
CA GLU A 5 2.15 2.90 5.95
C GLU A 5 2.60 1.59 5.33
N CYS A 6 2.73 0.56 6.16
CA CYS A 6 3.17 -0.75 5.68
C CYS A 6 4.52 -0.65 4.99
N SER A 7 5.10 0.55 5.03
CA SER A 7 6.40 0.77 4.41
C SER A 7 7.48 -0.04 5.12
N GLY A 8 8.07 -1.00 4.40
CA GLY A 8 9.11 -1.85 4.98
C GLY A 8 10.49 -1.43 4.47
N SER A 9 11.20 -2.39 3.87
CA SER A 9 12.53 -2.11 3.34
C SER A 9 12.46 -1.15 2.17
N ARG A 10 12.14 0.10 2.46
CA ARG A 10 12.05 1.13 1.42
C ARG A 10 11.07 0.69 0.34
N ARG A 11 10.38 -0.43 0.58
CA ARG A 11 9.41 -0.94 -0.39
C ARG A 11 7.99 -0.62 0.07
N THR A 12 7.09 -0.48 -0.90
CA THR A 12 5.70 -0.17 -0.60
C THR A 12 4.78 -0.71 -1.69
N LYS A 13 5.31 -0.78 -2.91
CA LYS A 13 4.52 -1.28 -4.04
C LYS A 13 3.71 -2.51 -3.62
N LYS A 14 4.18 -3.19 -2.58
CA LYS A 14 3.49 -4.38 -2.09
C LYS A 14 2.14 -4.00 -1.49
N CYS A 15 2.18 -3.25 -0.39
CA CYS A 15 0.97 -2.83 0.28
C CYS A 15 0.23 -1.79 -0.56
N MET A 16 0.98 -0.83 -1.10
CA MET A 16 0.38 0.21 -1.92
C MET A 16 -0.54 -0.39 -2.96
N GLN A 17 -0.03 -1.36 -3.73
CA GLN A 17 -0.83 -2.00 -4.76
C GLN A 17 -2.02 -2.72 -4.14
N LYS A 18 -1.76 -3.50 -3.09
CA LYS A 18 -2.82 -4.24 -2.41
C LYS A 18 -3.84 -3.28 -1.82
N CYS A 19 -3.43 -2.04 -1.59
CA CYS A 19 -4.32 -1.04 -1.02
C CYS A 19 -5.04 -0.28 -2.13
N ASN A 20 -4.30 0.10 -3.16
CA ASN A 20 -4.88 0.83 -4.29
C ASN A 20 -5.98 0.00 -4.95
N ARG A 21 -5.87 -1.33 -4.84
CA ARG A 21 -6.86 -2.21 -5.42
C ARG A 21 -8.22 -2.03 -4.74
N GLU A 22 -8.20 -1.52 -3.52
CA GLU A 22 -9.44 -1.30 -2.77
C GLU A 22 -10.04 0.05 -3.14
N HIS A 23 -9.64 0.58 -4.29
CA HIS A 23 -10.15 1.86 -4.75
C HIS A 23 -11.67 1.82 -4.87
N GLY A 24 -12.24 0.62 -4.75
CA GLY A 24 -13.69 0.46 -4.85
C GLY A 24 -14.32 0.42 -3.47
N HIS A 25 -13.60 0.92 -2.48
CA HIS A 25 -14.10 0.94 -1.11
C HIS A 25 -15.45 1.67 -1.04
N NH2 A 26 -15.84 2.39 -2.05
HN1 NH2 A 26 -15.26 2.48 -2.85
HN2 NH2 A 26 -16.70 2.86 -2.02
N SER A 1 -2.86 5.67 6.73
CA SER A 1 -3.08 4.42 7.45
C SER A 1 -2.38 3.26 6.75
N CYS A 2 -2.23 3.39 5.42
CA CYS A 2 -1.58 2.35 4.64
C CYS A 2 -0.74 2.96 3.52
N LYS A 3 -1.25 4.04 2.94
CA LYS A 3 -0.55 4.72 1.86
C LYS A 3 0.71 5.43 2.39
N LYS A 4 1.85 5.11 1.81
CA LYS A 4 3.10 5.72 2.22
C LYS A 4 3.29 5.59 3.73
N GLU A 5 2.51 4.70 4.34
CA GLU A 5 2.58 4.49 5.78
C GLU A 5 2.87 3.03 6.10
N CYS A 6 2.95 2.20 5.05
CA CYS A 6 3.21 0.77 5.22
C CYS A 6 4.58 0.41 4.65
N SER A 7 5.14 1.31 3.85
CA SER A 7 6.45 1.07 3.25
C SER A 7 7.42 0.49 4.28
N GLY A 8 8.14 -0.56 3.87
CA GLY A 8 9.09 -1.20 4.77
C GLY A 8 10.45 -0.54 4.67
N SER A 9 11.38 -1.19 3.96
CA SER A 9 12.73 -0.66 3.80
C SER A 9 13.02 -0.36 2.33
N ARG A 10 12.12 -0.80 1.46
CA ARG A 10 12.28 -0.58 0.03
C ARG A 10 11.08 -1.08 -0.74
N ARG A 11 10.16 -1.73 -0.03
CA ARG A 11 8.95 -2.27 -0.65
C ARG A 11 7.73 -1.43 -0.28
N THR A 12 6.81 -1.28 -1.23
CA THR A 12 5.61 -0.49 -0.99
C THR A 12 4.39 -1.19 -1.60
N LYS A 13 4.62 -1.99 -2.63
CA LYS A 13 3.53 -2.69 -3.29
C LYS A 13 3.02 -3.83 -2.42
N LYS A 14 3.52 -3.91 -1.20
CA LYS A 14 3.11 -4.95 -0.27
C LYS A 14 1.72 -4.64 0.28
N CYS A 15 1.55 -3.40 0.77
CA CYS A 15 0.27 -2.99 1.34
C CYS A 15 -0.45 -2.04 0.38
N MET A 16 0.31 -1.27 -0.38
CA MET A 16 -0.27 -0.33 -1.33
C MET A 16 -1.14 -1.06 -2.34
N GLN A 17 -0.69 -2.22 -2.79
CA GLN A 17 -1.44 -3.01 -3.77
C GLN A 17 -2.86 -3.28 -3.26
N LYS A 18 -2.95 -3.73 -2.01
CA LYS A 18 -4.24 -4.04 -1.42
C LYS A 18 -5.07 -2.77 -1.27
N CYS A 19 -4.41 -1.67 -0.95
CA CYS A 19 -5.09 -0.40 -0.78
C CYS A 19 -5.53 0.14 -2.14
N ASN A 20 -4.71 -0.09 -3.15
CA ASN A 20 -5.02 0.39 -4.50
C ASN A 20 -6.31 -0.24 -4.99
N ARG A 21 -6.46 -1.54 -4.79
CA ARG A 21 -7.65 -2.25 -5.22
C ARG A 21 -8.85 -1.83 -4.37
N GLU A 22 -8.65 -1.77 -3.05
CA GLU A 22 -9.72 -1.40 -2.15
C GLU A 22 -10.17 0.03 -2.43
N HIS A 23 -9.21 0.92 -2.58
CA HIS A 23 -9.52 2.33 -2.85
C HIS A 23 -9.61 2.57 -4.35
N GLY A 24 -9.75 1.50 -5.12
CA GLY A 24 -9.85 1.60 -6.56
C GLY A 24 -11.02 0.78 -7.10
N HIS A 25 -11.79 0.19 -6.19
CA HIS A 25 -12.93 -0.62 -6.57
C HIS A 25 -13.87 0.18 -7.48
N NH2 A 26 -14.40 -0.40 -8.52
HN1 NH2 A 26 -14.19 -1.33 -8.73
HN2 NH2 A 26 -15.00 0.11 -9.11
N SER A 1 -4.58 4.38 6.44
CA SER A 1 -3.60 3.31 6.35
C SER A 1 -3.47 2.80 4.91
N CYS A 2 -2.80 3.58 4.07
CA CYS A 2 -2.62 3.21 2.67
C CYS A 2 -1.38 3.88 2.09
N LYS A 3 -0.93 4.94 2.75
CA LYS A 3 0.25 5.66 2.29
C LYS A 3 1.50 5.16 3.01
N LYS A 4 1.62 5.49 4.29
CA LYS A 4 2.77 5.07 5.08
C LYS A 4 2.42 3.83 5.89
N GLU A 5 1.90 2.81 5.22
CA GLU A 5 1.52 1.57 5.89
C GLU A 5 2.69 0.59 5.89
N CYS A 6 2.68 -0.37 4.97
CA CYS A 6 3.75 -1.35 4.88
C CYS A 6 5.06 -0.70 4.43
N SER A 7 5.05 0.63 4.35
CA SER A 7 6.24 1.36 3.94
C SER A 7 7.46 0.88 4.71
N GLY A 8 8.33 0.14 4.04
CA GLY A 8 9.54 -0.37 4.68
C GLY A 8 10.72 0.54 4.42
N SER A 9 11.72 0.01 3.71
CA SER A 9 12.92 0.78 3.39
C SER A 9 13.09 0.91 1.88
N ARG A 10 12.45 0.03 1.14
CA ARG A 10 12.53 0.06 -0.32
C ARG A 10 11.32 -0.63 -0.95
N ARG A 11 10.48 -1.23 -0.10
CA ARG A 11 9.28 -1.91 -0.57
C ARG A 11 8.03 -1.17 -0.12
N THR A 12 6.93 -1.38 -0.84
CA THR A 12 5.67 -0.73 -0.51
C THR A 12 4.50 -1.38 -1.25
N LYS A 13 4.81 -1.96 -2.41
CA LYS A 13 3.79 -2.62 -3.21
C LYS A 13 3.32 -3.90 -2.53
N LYS A 14 3.84 -4.15 -1.33
CA LYS A 14 3.47 -5.35 -0.58
C LYS A 14 2.01 -5.28 -0.15
N CYS A 15 1.60 -4.14 0.39
CA CYS A 15 0.23 -3.96 0.84
C CYS A 15 -0.43 -2.78 0.13
N MET A 16 0.41 -1.89 -0.41
CA MET A 16 -0.11 -0.71 -1.11
C MET A 16 -0.87 -1.14 -2.37
N GLN A 17 -0.38 -2.18 -3.03
CA GLN A 17 -1.02 -2.67 -4.25
C GLN A 17 -2.48 -3.00 -3.99
N LYS A 18 -2.72 -3.89 -3.04
CA LYS A 18 -4.09 -4.28 -2.70
C LYS A 18 -4.92 -3.06 -2.34
N CYS A 19 -4.30 -2.12 -1.63
CA CYS A 19 -5.00 -0.90 -1.22
C CYS A 19 -5.17 0.04 -2.40
N ASN A 20 -4.25 -0.03 -3.35
CA ASN A 20 -4.30 0.82 -4.53
C ASN A 20 -5.35 0.31 -5.50
N ARG A 21 -5.52 -1.01 -5.54
CA ARG A 21 -6.49 -1.62 -6.45
C ARG A 21 -7.91 -1.48 -5.88
N GLU A 22 -8.05 -1.75 -4.59
CA GLU A 22 -9.36 -1.65 -3.93
C GLU A 22 -9.63 -0.21 -3.52
N HIS A 23 -8.86 0.72 -4.06
CA HIS A 23 -9.03 2.12 -3.74
C HIS A 23 -10.40 2.62 -4.20
N GLY A 24 -11.19 1.71 -4.75
CA GLY A 24 -12.52 2.07 -5.23
C GLY A 24 -13.51 2.13 -4.07
N HIS A 25 -12.98 2.04 -2.85
CA HIS A 25 -13.83 2.09 -1.66
C HIS A 25 -14.69 3.36 -1.66
N NH2 A 26 -15.82 3.37 -1.00
HN1 NH2 A 26 -16.10 2.57 -0.52
HN2 NH2 A 26 -16.37 4.17 -1.00
#